data_7O2X
#
_entry.id   7O2X
#
_cell.length_a   63.950
_cell.length_b   63.950
_cell.length_c   225.720
_cell.angle_alpha   90.000
_cell.angle_beta   90.000
_cell.angle_gamma   120.000
#
_symmetry.space_group_name_H-M   'P 32 2 1'
#
loop_
_entity.id
_entity.type
_entity.pdbx_description
1 polymer 'N6-adenosine-methyltransferase catalytic subunit'
2 polymer 'N6-adenosine-methyltransferase non-catalytic subunit'
3 non-polymer N-[(6-methylimidazo[1,2-a]pyridin-2-yl)methyl]-4-oxidanylidene-pyrido[1,2-a]pyrimidine-2-carboxamide
4 non-polymer 'ACETATE ION'
5 water water
#
loop_
_entity_poly.entity_id
_entity_poly.type
_entity_poly.pdbx_seq_one_letter_code
_entity_poly.pdbx_strand_id
1 'polypeptide(L)'
;MGHHHHHHSSGRENLYFQGALTQSVGGDSSADRLFPPQWICCDIRYLDVSILGKFAVVMADPPWDIHMELPYGTLTDDEM
RRLNIPVLQDDGFLFLWVTGRAMELGRECLNLWGYERVDEIIWVKTNQLQRIIRTGRTGHWLNHGKEHCLVGVKGNPQGF
NQGLDCDVIVAEVRSTSHKPDEIYGMIERLSPGTRKIELFGRPHNVQPNWITLGNQLDGIHLLDPDVVARFKQRYPDGII
SKPKNL
;
A
2 'polypeptide(L)'
;MLKGTQSLNPHNDYCQHFVDTGHRPQNFIRDVGLADRFEEYPKLRELIRLKDELIAKSNTPPMYLQADIEAFDIRELTPK
FDVILLEPPLEEYYRETGITANEKCWTWDDIMKLEIDEIAAPRSFIFLWCGSGEGLDLGRVCLRKWGYRRCEDICWIKTN
KNNPGKTKTLDPKAVFQRTKEHCLMGIKGTVKRSTDGDFIHANVDIDLIITEEPEIGNIEKPVEIFHIIEHFCLGRRRLH
LFGRDSTIRPGWLTVGPTLTNSNYNAETYASYFSAPNSYLTGCTEEIERL
;
B
#
loop_
_chem_comp.id
_chem_comp.type
_chem_comp.name
_chem_comp.formula
ACT non-polymer 'ACETATE ION' 'C2 H3 O2 -1'
V0B non-polymer N-[(6-methylimidazo[1,2-a]pyridin-2-yl)methyl]-4-oxidanylidene-pyrido[1,2-a]pyrimidine-2-carboxamide 'C18 H15 N5 O2'
#
# COMPACT_ATOMS: atom_id res chain seq x y z
N LEU A 34 -13.57 24.07 -21.83
CA LEU A 34 -14.58 23.45 -22.67
C LEU A 34 -14.97 22.04 -22.21
N PHE A 35 -15.85 21.99 -21.20
CA PHE A 35 -16.35 20.85 -20.41
C PHE A 35 -16.36 19.44 -21.03
N PRO A 36 -16.70 19.21 -22.30
CA PRO A 36 -16.85 17.80 -22.81
C PRO A 36 -15.52 17.07 -22.98
N PRO A 37 -15.55 15.77 -23.32
CA PRO A 37 -14.28 15.01 -23.47
C PRO A 37 -13.40 15.57 -24.58
N GLN A 38 -12.10 15.59 -24.31
CA GLN A 38 -11.07 15.86 -25.30
C GLN A 38 -10.02 14.78 -25.18
N TRP A 39 -9.28 14.55 -26.27
CA TRP A 39 -8.22 13.55 -26.24
C TRP A 39 -7.27 13.77 -27.41
N ILE A 40 -6.10 13.16 -27.30
CA ILE A 40 -4.98 13.33 -28.22
C ILE A 40 -4.31 11.97 -28.29
N CYS A 41 -4.46 11.28 -29.42
CA CYS A 41 -3.66 10.09 -29.63
C CYS A 41 -2.24 10.54 -29.90
N CYS A 42 -1.29 9.96 -29.17
CA CYS A 42 0.10 10.35 -29.37
C CYS A 42 1.00 9.40 -28.60
N ASP A 43 2.30 9.59 -28.80
CA ASP A 43 3.31 9.05 -27.91
C ASP A 43 3.54 10.07 -26.81
N ILE A 44 3.41 9.64 -25.56
CA ILE A 44 3.53 10.57 -24.46
C ILE A 44 4.97 10.95 -24.18
N ARG A 45 5.92 10.18 -24.72
CA ARG A 45 7.35 10.51 -24.59
C ARG A 45 7.73 11.76 -25.38
N TYR A 46 7.11 11.96 -26.55
CA TYR A 46 7.52 12.95 -27.53
C TYR A 46 6.59 14.14 -27.65
N LEU A 47 5.46 14.13 -26.96
CA LEU A 47 4.47 15.18 -27.09
C LEU A 47 4.83 16.38 -26.22
N ASP A 48 4.90 17.56 -26.84
CA ASP A 48 5.15 18.78 -26.10
C ASP A 48 3.95 19.07 -25.21
N VAL A 49 3.99 18.64 -23.95
CA VAL A 49 2.86 18.85 -23.05
C VAL A 49 2.66 20.30 -22.64
N SER A 50 3.65 21.17 -22.85
CA SER A 50 3.54 22.55 -22.39
C SER A 50 2.36 23.28 -23.04
N ILE A 51 1.98 22.87 -24.25
CA ILE A 51 0.89 23.51 -24.96
C ILE A 51 -0.44 23.38 -24.20
N LEU A 52 -0.52 22.45 -23.27
CA LEU A 52 -1.80 22.03 -22.70
C LEU A 52 -2.24 22.81 -21.48
N GLY A 53 -1.39 23.69 -20.93
CA GLY A 53 -1.79 24.46 -19.77
C GLY A 53 -1.56 23.78 -18.42
N LYS A 54 -2.37 24.15 -17.42
CA LYS A 54 -2.19 23.74 -16.03
C LYS A 54 -3.44 23.06 -15.51
N PHE A 55 -3.27 22.03 -14.69
CA PHE A 55 -4.40 21.20 -14.29
C PHE A 55 -4.49 21.05 -12.78
N ALA A 56 -5.73 21.00 -12.28
CA ALA A 56 -5.95 20.84 -10.85
C ALA A 56 -5.68 19.41 -10.40
N VAL A 57 -5.80 18.43 -11.31
CA VAL A 57 -5.60 17.01 -11.02
C VAL A 57 -4.91 16.34 -12.22
N VAL A 58 -3.90 15.53 -11.94
CA VAL A 58 -3.24 14.69 -12.93
C VAL A 58 -3.43 13.24 -12.52
N MET A 59 -3.79 12.41 -13.47
CA MET A 59 -3.97 10.98 -13.23
C MET A 59 -3.26 10.23 -14.34
N ALA A 60 -2.63 9.12 -13.98
CA ALA A 60 -1.94 8.29 -14.94
C ALA A 60 -2.06 6.85 -14.49
N ASP A 61 -2.36 5.96 -15.45
CA ASP A 61 -2.28 4.52 -15.24
C ASP A 61 -1.21 3.99 -16.19
N PRO A 62 0.06 4.11 -15.81
CA PRO A 62 1.13 3.91 -16.78
C PRO A 62 1.41 2.43 -16.98
N PRO A 63 1.74 2.01 -18.22
CA PRO A 63 2.19 0.65 -18.54
C PRO A 63 3.63 0.38 -18.09
N TRP A 64 3.77 0.16 -16.79
CA TRP A 64 5.10 0.00 -16.21
C TRP A 64 5.73 -1.27 -16.73
N ASP A 65 7.04 -1.21 -16.89
CA ASP A 65 7.83 -2.40 -17.25
C ASP A 65 8.05 -3.23 -16.01
N ILE A 66 6.99 -3.94 -15.58
CA ILE A 66 7.12 -4.74 -14.36
C ILE A 66 7.66 -6.10 -14.77
N HIS A 67 8.45 -6.10 -15.85
CA HIS A 67 8.99 -7.29 -16.51
C HIS A 67 7.84 -8.11 -17.06
N MET A 68 7.98 -9.43 -16.96
CA MET A 68 6.92 -10.39 -17.26
C MET A 68 6.50 -10.32 -18.72
N GLU A 69 7.43 -9.91 -19.59
CA GLU A 69 7.28 -9.85 -21.05
C GLU A 69 5.85 -9.49 -21.44
N LEU A 70 5.41 -8.27 -21.08
CA LEU A 70 3.98 -7.97 -21.05
C LEU A 70 3.38 -8.02 -22.46
N PRO A 71 2.08 -8.27 -22.58
CA PRO A 71 1.43 -8.24 -23.89
C PRO A 71 1.20 -6.84 -24.46
N TYR A 72 1.72 -5.80 -23.82
CA TYR A 72 1.56 -4.43 -24.27
C TYR A 72 2.92 -3.74 -24.30
N GLY A 73 2.97 -2.61 -25.00
CA GLY A 73 4.18 -1.78 -24.97
C GLY A 73 4.36 -1.08 -23.63
N THR A 74 5.58 -1.15 -23.10
CA THR A 74 5.89 -0.62 -21.78
C THR A 74 6.83 0.57 -21.96
N LEU A 75 6.88 1.44 -20.94
CA LEU A 75 7.89 2.48 -20.88
C LEU A 75 8.99 2.04 -19.94
N THR A 76 10.24 2.30 -20.33
CA THR A 76 11.34 1.96 -19.46
C THR A 76 11.38 2.91 -18.27
N ASP A 77 12.11 2.49 -17.23
CA ASP A 77 12.16 3.25 -15.99
C ASP A 77 12.61 4.69 -16.23
N ASP A 78 13.62 4.89 -17.08
CA ASP A 78 14.07 6.25 -17.32
C ASP A 78 13.04 7.04 -18.13
N GLU A 79 12.31 6.37 -19.02
CA GLU A 79 11.28 7.04 -19.80
C GLU A 79 10.17 7.57 -18.89
N MET A 80 9.70 6.72 -17.98
CA MET A 80 8.81 7.17 -16.92
C MET A 80 9.43 8.30 -16.11
N ARG A 81 10.69 8.11 -15.67
CA ARG A 81 11.39 9.16 -14.93
C ARG A 81 11.44 10.49 -15.68
N ARG A 82 11.60 10.42 -17.01
CA ARG A 82 11.87 11.62 -17.79
C ARG A 82 10.61 12.32 -18.28
N LEU A 83 9.42 11.79 -17.97
CA LEU A 83 8.19 12.44 -18.42
C LEU A 83 8.16 13.88 -17.92
N ASN A 84 7.42 14.73 -18.62
CA ASN A 84 7.36 16.14 -18.25
C ASN A 84 6.10 16.46 -17.44
N ILE A 85 6.00 15.79 -16.29
CA ILE A 85 4.91 16.11 -15.36
C ILE A 85 5.04 17.50 -14.76
N PRO A 86 6.23 18.01 -14.40
CA PRO A 86 6.26 19.27 -13.64
C PRO A 86 5.62 20.46 -14.35
N VAL A 87 5.55 20.43 -15.69
CA VAL A 87 4.98 21.56 -16.43
C VAL A 87 3.47 21.49 -16.48
N LEU A 88 2.87 20.42 -15.97
CA LEU A 88 1.44 20.22 -15.99
C LEU A 88 0.73 20.93 -14.84
N GLN A 89 1.31 20.97 -13.64
CA GLN A 89 0.62 21.55 -12.50
C GLN A 89 1.45 22.63 -11.84
N ASP A 90 0.75 23.61 -11.25
CA ASP A 90 1.31 24.48 -10.24
C ASP A 90 0.81 24.12 -8.86
N ASP A 91 -0.50 24.03 -8.65
CA ASP A 91 -1.02 23.62 -7.35
C ASP A 91 -2.09 22.56 -7.55
N GLY A 92 -1.77 21.31 -7.24
CA GLY A 92 -2.79 20.29 -7.36
C GLY A 92 -2.29 18.90 -7.02
N PHE A 93 -3.12 17.94 -7.38
CA PHE A 93 -2.96 16.56 -6.99
C PHE A 93 -2.58 15.67 -8.17
N LEU A 94 -1.84 14.61 -7.86
CA LEU A 94 -1.41 13.61 -8.81
C LEU A 94 -1.97 12.27 -8.38
N PHE A 95 -2.53 11.52 -9.33
CA PHE A 95 -3.02 10.16 -9.07
C PHE A 95 -2.24 9.16 -9.93
N LEU A 96 -1.60 8.19 -9.27
CA LEU A 96 -0.60 7.31 -9.88
C LEU A 96 -0.88 5.85 -9.48
N TRP A 97 -1.40 5.07 -10.42
CA TRP A 97 -1.57 3.65 -10.18
C TRP A 97 -0.21 2.97 -10.20
N VAL A 98 -0.09 1.91 -9.40
CA VAL A 98 1.18 1.23 -9.18
C VAL A 98 0.89 -0.22 -8.88
N THR A 99 1.90 -1.06 -9.06
CA THR A 99 1.75 -2.49 -8.86
C THR A 99 3.15 -3.07 -8.84
N GLY A 100 3.32 -4.17 -8.12
CA GLY A 100 4.60 -4.85 -8.13
C GLY A 100 5.69 -3.89 -7.69
N ARG A 101 6.72 -3.75 -8.53
CA ARG A 101 7.86 -2.90 -8.19
C ARG A 101 7.61 -1.43 -8.52
N ALA A 102 6.63 -1.15 -9.37
CA ALA A 102 6.14 0.22 -9.54
C ALA A 102 5.71 0.86 -8.22
N MET A 103 5.59 0.12 -7.12
CA MET A 103 5.24 0.75 -5.85
C MET A 103 6.37 1.62 -5.34
N GLU A 104 7.60 1.13 -5.45
CA GLU A 104 8.80 1.87 -5.11
C GLU A 104 9.20 2.81 -6.25
N LEU A 105 9.24 2.29 -7.48
CA LEU A 105 9.50 3.15 -8.63
C LEU A 105 8.52 4.31 -8.70
N GLY A 106 7.22 4.01 -8.75
CA GLY A 106 6.24 5.08 -8.81
C GLY A 106 6.43 6.12 -7.73
N ARG A 107 6.90 5.69 -6.55
CA ARG A 107 7.21 6.63 -5.48
C ARG A 107 8.41 7.49 -5.84
N GLU A 108 9.39 6.88 -6.51
CA GLU A 108 10.53 7.61 -7.06
C GLU A 108 10.06 8.67 -8.05
N CYS A 109 9.33 8.23 -9.08
CA CYS A 109 8.80 9.18 -10.06
C CYS A 109 7.95 10.25 -9.39
N LEU A 110 7.22 9.85 -8.36
CA LEU A 110 6.31 10.79 -7.73
C LEU A 110 7.09 11.88 -7.00
N ASN A 111 8.20 11.52 -6.35
CA ASN A 111 9.05 12.52 -5.70
C ASN A 111 9.93 13.26 -6.70
N LEU A 112 10.45 12.54 -7.72
CA LEU A 112 11.31 13.19 -8.70
C LEU A 112 10.58 14.32 -9.42
N TRP A 113 9.27 14.14 -9.68
CA TRP A 113 8.43 15.16 -10.33
C TRP A 113 8.04 16.30 -9.40
N GLY A 114 8.43 16.26 -8.12
CA GLY A 114 8.13 17.32 -7.19
C GLY A 114 6.85 17.19 -6.40
N TYR A 115 6.35 15.96 -6.19
CA TYR A 115 5.15 15.74 -5.42
C TYR A 115 5.46 15.11 -4.07
N GLU A 116 4.50 15.18 -3.17
CA GLU A 116 4.57 14.53 -1.88
C GLU A 116 3.43 13.52 -1.80
N ARG A 117 3.76 12.24 -1.59
CA ARG A 117 2.71 11.23 -1.44
C ARG A 117 1.96 11.49 -0.14
N VAL A 118 0.70 11.93 -0.25
CA VAL A 118 -0.11 12.29 0.91
C VAL A 118 -1.30 11.39 1.14
N ASP A 119 -1.57 10.46 0.24
CA ASP A 119 -2.59 9.44 0.46
C ASP A 119 -2.32 8.31 -0.50
N GLU A 120 -3.08 7.23 -0.34
CA GLU A 120 -2.88 6.02 -1.13
C GLU A 120 -4.21 5.30 -1.15
N ILE A 121 -4.89 5.33 -2.27
CA ILE A 121 -6.14 4.62 -2.44
C ILE A 121 -5.82 3.16 -2.78
N ILE A 122 -6.63 2.26 -2.25
CA ILE A 122 -6.62 0.89 -2.71
C ILE A 122 -7.99 0.57 -3.29
N TRP A 123 -7.98 -0.15 -4.42
CA TRP A 123 -9.18 -0.68 -5.05
C TRP A 123 -9.28 -2.16 -4.70
N VAL A 124 -10.33 -2.54 -3.99
CA VAL A 124 -10.65 -3.95 -3.74
C VAL A 124 -11.48 -4.49 -4.92
N LYS A 125 -10.90 -5.43 -5.66
CA LYS A 125 -11.57 -6.09 -6.76
C LYS A 125 -12.59 -7.10 -6.26
N THR A 126 -13.83 -6.95 -6.70
CA THR A 126 -14.86 -7.94 -6.41
C THR A 126 -15.36 -8.55 -7.72
N ASN A 127 -16.41 -9.37 -7.61
CA ASN A 127 -17.21 -9.82 -8.74
C ASN A 127 -18.59 -9.15 -8.71
N GLN A 128 -19.56 -9.73 -9.43
CA GLN A 128 -20.87 -9.12 -9.50
C GLN A 128 -21.68 -9.32 -8.23
N LEU A 129 -21.23 -10.19 -7.32
CA LEU A 129 -21.89 -10.44 -6.05
C LEU A 129 -20.99 -10.08 -4.87
N GLN A 130 -20.05 -9.14 -5.09
CA GLN A 130 -19.33 -8.44 -4.02
C GLN A 130 -18.45 -9.36 -3.16
N ARG A 131 -17.95 -10.45 -3.74
CA ARG A 131 -16.91 -11.25 -3.10
C ARG A 131 -15.57 -10.93 -3.77
N ILE A 132 -14.49 -11.09 -3.03
CA ILE A 132 -13.17 -10.73 -3.55
C ILE A 132 -12.69 -11.74 -4.59
N ILE A 133 -12.11 -11.25 -5.69
CA ILE A 133 -11.63 -12.11 -6.77
C ILE A 133 -10.48 -13.01 -6.29
N HIS A 140 2.87 -13.31 -6.30
CA HIS A 140 4.12 -13.75 -5.69
C HIS A 140 3.86 -14.76 -4.55
N TRP A 141 3.89 -14.27 -3.30
CA TRP A 141 3.68 -15.00 -2.04
C TRP A 141 2.22 -15.07 -1.62
N LEU A 142 1.48 -13.99 -1.86
CA LEU A 142 0.07 -13.85 -1.53
C LEU A 142 -0.71 -13.53 -2.80
N ASN A 143 -1.96 -13.97 -2.85
CA ASN A 143 -2.81 -13.63 -3.98
C ASN A 143 -3.28 -12.20 -3.80
N HIS A 144 -3.24 -11.42 -4.89
CA HIS A 144 -3.52 -10.01 -4.79
C HIS A 144 -5.02 -9.77 -4.95
N GLY A 145 -5.61 -9.10 -3.97
CA GLY A 145 -7.01 -8.72 -4.01
C GLY A 145 -7.24 -7.25 -4.28
N LYS A 146 -6.19 -6.49 -4.61
CA LYS A 146 -6.29 -5.05 -4.69
C LYS A 146 -5.28 -4.49 -5.70
N GLU A 147 -5.42 -3.20 -5.95
CA GLU A 147 -4.46 -2.44 -6.73
C GLU A 147 -4.32 -1.06 -6.10
N HIS A 148 -3.11 -0.53 -6.16
CA HIS A 148 -2.79 0.66 -5.41
C HIS A 148 -2.75 1.87 -6.33
N CYS A 149 -2.98 3.04 -5.75
CA CYS A 149 -3.00 4.31 -6.46
C CYS A 149 -2.46 5.40 -5.52
N LEU A 150 -1.20 5.76 -5.73
CA LEU A 150 -0.59 6.80 -4.92
C LEU A 150 -1.20 8.17 -5.22
N VAL A 151 -1.48 8.91 -4.14
CA VAL A 151 -1.98 10.29 -4.22
C VAL A 151 -0.86 11.25 -3.85
N GLY A 152 -0.51 12.15 -4.78
CA GLY A 152 0.54 13.12 -4.57
C GLY A 152 -0.01 14.54 -4.63
N VAL A 153 0.66 15.46 -3.94
CA VAL A 153 0.29 16.87 -3.91
C VAL A 153 1.49 17.68 -4.37
N LYS A 154 1.22 18.86 -4.93
CA LYS A 154 2.25 19.79 -5.38
C LYS A 154 1.78 21.20 -5.07
N GLY A 155 2.71 22.02 -4.57
CA GLY A 155 2.41 23.40 -4.26
C GLY A 155 1.45 23.51 -3.09
N ASN A 156 0.65 24.58 -3.12
CA ASN A 156 -0.44 24.76 -2.17
C ASN A 156 -1.77 24.74 -2.92
N PRO A 157 -2.54 23.67 -2.84
CA PRO A 157 -3.85 23.66 -3.49
C PRO A 157 -4.94 24.19 -2.56
N GLN A 158 -5.81 25.06 -3.06
CA GLN A 158 -6.89 25.65 -2.27
C GLN A 158 -8.22 25.47 -2.99
N GLY A 159 -9.27 25.20 -2.23
CA GLY A 159 -10.61 25.05 -2.77
C GLY A 159 -11.09 23.62 -2.83
N PHE A 160 -10.22 22.67 -2.56
CA PHE A 160 -10.56 21.27 -2.72
C PHE A 160 -11.31 20.79 -1.49
N ASN A 161 -12.26 19.89 -1.72
CA ASN A 161 -13.07 19.37 -0.63
C ASN A 161 -12.44 18.07 -0.13
N GLN A 162 -11.29 18.24 0.49
CA GLN A 162 -10.55 17.11 1.00
C GLN A 162 -11.37 16.40 2.05
N GLY A 163 -11.35 15.07 2.01
CA GLY A 163 -12.01 14.26 3.02
C GLY A 163 -13.46 13.92 2.77
N LEU A 164 -13.93 13.96 1.52
CA LEU A 164 -15.30 13.61 1.17
C LEU A 164 -15.46 12.13 0.91
N ASP A 165 -14.46 11.52 0.29
CA ASP A 165 -14.43 10.09 0.11
C ASP A 165 -13.38 9.49 1.02
N CYS A 166 -13.41 8.17 1.13
CA CYS A 166 -12.41 7.44 1.88
C CYS A 166 -11.48 6.75 0.90
N ASP A 167 -10.41 6.16 1.41
CA ASP A 167 -9.34 5.66 0.57
C ASP A 167 -9.57 4.25 0.09
N VAL A 168 -10.81 3.78 0.09
CA VAL A 168 -11.10 2.42 -0.33
C VAL A 168 -12.21 2.45 -1.37
N ILE A 169 -11.95 1.78 -2.49
CA ILE A 169 -12.88 1.66 -3.61
C ILE A 169 -13.27 0.19 -3.72
N VAL A 170 -14.55 -0.09 -3.84
CA VAL A 170 -15.01 -1.46 -4.05
C VAL A 170 -15.89 -1.47 -5.28
N ALA A 171 -15.47 -2.23 -6.29
CA ALA A 171 -16.01 -2.11 -7.63
C ALA A 171 -15.72 -3.41 -8.36
N GLU A 172 -16.55 -3.70 -9.37
CA GLU A 172 -16.40 -4.94 -10.10
C GLU A 172 -15.34 -4.78 -11.19
N VAL A 173 -14.53 -5.82 -11.37
CA VAL A 173 -13.53 -5.85 -12.44
C VAL A 173 -14.24 -5.96 -13.78
N ARG A 174 -13.95 -5.05 -14.69
CA ARG A 174 -14.50 -5.18 -16.03
C ARG A 174 -13.51 -5.96 -16.89
N SER A 175 -12.76 -5.24 -17.72
CA SER A 175 -11.66 -5.84 -18.46
C SER A 175 -10.42 -5.79 -17.59
N THR A 176 -9.42 -6.58 -17.98
CA THR A 176 -8.16 -6.52 -17.26
C THR A 176 -7.32 -5.36 -17.81
N SER A 177 -6.50 -4.80 -16.93
CA SER A 177 -5.73 -3.58 -17.04
C SER A 177 -6.61 -2.37 -16.79
N HIS A 178 -7.92 -2.53 -16.72
CA HIS A 178 -8.71 -1.33 -16.50
C HIS A 178 -8.81 -0.99 -15.03
N LYS A 179 -9.44 0.15 -14.76
CA LYS A 179 -9.52 0.80 -13.46
C LYS A 179 -10.93 1.38 -13.32
N PRO A 180 -11.51 1.35 -12.12
CA PRO A 180 -12.95 1.61 -11.99
C PRO A 180 -13.35 3.04 -12.26
N ASP A 181 -14.59 3.20 -12.73
CA ASP A 181 -15.12 4.54 -12.99
C ASP A 181 -15.26 5.37 -11.73
N GLU A 182 -15.30 4.74 -10.56
CA GLU A 182 -15.65 5.47 -9.35
C GLU A 182 -14.62 6.57 -9.03
N ILE A 183 -13.38 6.39 -9.49
CA ILE A 183 -12.29 7.35 -9.24
C ILE A 183 -12.57 8.71 -9.87
N TYR A 184 -13.31 8.73 -10.98
CA TYR A 184 -13.71 10.03 -11.55
C TYR A 184 -14.78 10.71 -10.70
N GLY A 185 -15.66 9.92 -10.05
CA GLY A 185 -16.53 10.50 -9.04
C GLY A 185 -15.75 11.08 -7.89
N MET A 186 -14.85 10.31 -7.29
CA MET A 186 -14.08 10.81 -6.16
C MET A 186 -13.32 12.08 -6.53
N ILE A 187 -12.72 12.09 -7.74
CA ILE A 187 -11.89 13.22 -8.14
C ILE A 187 -12.74 14.46 -8.44
N GLU A 188 -13.91 14.28 -9.05
CA GLU A 188 -14.80 15.41 -9.32
C GLU A 188 -15.30 16.05 -8.02
N ARG A 189 -15.72 15.23 -7.06
CA ARG A 189 -16.08 15.79 -5.75
C ARG A 189 -14.90 16.52 -5.13
N LEU A 190 -13.68 15.98 -5.31
CA LEU A 190 -12.51 16.60 -4.71
C LEU A 190 -12.27 17.99 -5.26
N SER A 191 -12.40 18.14 -6.58
CA SER A 191 -12.10 19.39 -7.29
C SER A 191 -13.06 19.53 -8.44
N PRO A 192 -14.26 20.06 -8.20
CA PRO A 192 -15.28 20.10 -9.24
C PRO A 192 -15.08 21.24 -10.22
N GLY A 193 -15.36 20.95 -11.49
CA GLY A 193 -15.30 21.91 -12.58
C GLY A 193 -13.91 22.31 -13.06
N THR A 194 -12.85 21.77 -12.48
CA THR A 194 -11.48 22.11 -12.78
C THR A 194 -10.92 21.23 -13.90
N ARG A 195 -9.87 21.70 -14.54
CA ARG A 195 -9.28 20.97 -15.66
C ARG A 195 -8.46 19.78 -15.16
N LYS A 196 -8.68 18.64 -15.77
CA LYS A 196 -7.97 17.44 -15.38
C LYS A 196 -7.33 16.80 -16.61
N ILE A 197 -6.17 16.18 -16.40
CA ILE A 197 -5.47 15.51 -17.48
C ILE A 197 -5.20 14.07 -17.08
N GLU A 198 -5.43 13.15 -18.01
CA GLU A 198 -5.05 11.76 -17.83
C GLU A 198 -3.95 11.41 -18.81
N LEU A 199 -3.00 10.61 -18.34
CA LEU A 199 -1.87 10.14 -19.11
C LEU A 199 -1.99 8.63 -19.29
N PHE A 200 -1.73 8.15 -20.51
CA PHE A 200 -1.87 6.74 -20.86
C PHE A 200 -3.31 6.29 -20.71
N GLY A 201 -4.24 7.16 -21.03
CA GLY A 201 -5.61 6.77 -21.03
C GLY A 201 -5.96 6.00 -22.28
N ARG A 202 -6.84 5.04 -22.11
CA ARG A 202 -7.43 4.30 -23.22
C ARG A 202 -8.82 4.84 -23.49
N PRO A 203 -9.46 4.48 -24.62
CA PRO A 203 -10.66 5.24 -25.03
C PRO A 203 -11.78 5.21 -24.01
N HIS A 204 -11.88 4.15 -23.20
CA HIS A 204 -12.90 4.11 -22.17
C HIS A 204 -12.65 5.11 -21.04
N ASN A 205 -11.45 5.71 -21.00
CA ASN A 205 -11.03 6.67 -20.01
C ASN A 205 -11.51 8.09 -20.31
N VAL A 206 -12.03 8.36 -21.51
CA VAL A 206 -12.39 9.74 -21.84
C VAL A 206 -13.62 10.14 -21.04
N GLN A 207 -13.50 11.26 -20.33
CA GLN A 207 -14.53 11.78 -19.45
C GLN A 207 -14.64 13.29 -19.59
N PRO A 208 -15.81 13.85 -19.32
CA PRO A 208 -15.95 15.30 -19.25
C PRO A 208 -14.98 15.95 -18.27
N ASN A 209 -14.69 17.23 -18.52
CA ASN A 209 -13.70 18.02 -17.79
C ASN A 209 -12.28 17.50 -17.99
N TRP A 210 -12.10 16.41 -18.74
CA TRP A 210 -10.82 15.73 -18.82
C TRP A 210 -10.22 15.79 -20.22
N ILE A 211 -8.91 15.58 -20.27
CA ILE A 211 -8.15 15.50 -21.51
C ILE A 211 -7.35 14.21 -21.45
N THR A 212 -7.64 13.25 -22.33
CA THR A 212 -6.99 11.95 -22.25
C THR A 212 -5.88 11.87 -23.29
N LEU A 213 -4.67 11.56 -22.83
CA LEU A 213 -3.52 11.32 -23.69
C LEU A 213 -3.14 9.85 -23.62
N GLY A 214 -2.68 9.31 -24.75
CA GLY A 214 -2.45 7.88 -24.85
C GLY A 214 -2.28 7.45 -26.29
N ASN A 215 -1.69 6.28 -26.52
CA ASN A 215 -1.38 5.85 -27.87
C ASN A 215 -2.44 4.93 -28.49
N GLN A 216 -3.54 4.64 -27.79
CA GLN A 216 -4.61 3.83 -28.32
C GLN A 216 -5.91 4.61 -28.53
N LEU A 217 -5.80 5.92 -28.80
CA LEU A 217 -6.96 6.79 -28.94
C LEU A 217 -7.20 7.10 -30.42
N ASP A 218 -8.43 7.52 -30.73
CA ASP A 218 -8.86 7.79 -32.10
C ASP A 218 -8.50 9.24 -32.43
N GLY A 219 -7.22 9.45 -32.68
CA GLY A 219 -6.80 10.70 -33.30
C GLY A 219 -6.72 11.86 -32.32
N ILE A 220 -7.21 13.01 -32.76
CA ILE A 220 -7.20 14.22 -31.95
C ILE A 220 -8.63 14.76 -31.87
N HIS A 221 -8.98 15.33 -30.72
CA HIS A 221 -10.32 15.88 -30.52
C HIS A 221 -10.22 17.00 -29.48
N LEU A 222 -10.07 18.25 -29.94
CA LEU A 222 -9.77 19.36 -29.05
C LEU A 222 -10.76 20.50 -29.24
N LEU A 223 -11.32 20.98 -28.11
CA LEU A 223 -12.44 21.93 -28.04
C LEU A 223 -12.12 23.20 -27.27
N ASP A 224 -11.33 23.13 -26.20
CA ASP A 224 -10.87 24.33 -25.53
C ASP A 224 -10.09 25.17 -26.53
N PRO A 225 -10.56 26.37 -26.86
CA PRO A 225 -9.85 27.16 -27.89
C PRO A 225 -8.41 27.46 -27.53
N ASP A 226 -8.11 27.77 -26.26
CA ASP A 226 -6.73 28.05 -25.86
C ASP A 226 -5.81 26.90 -26.22
N VAL A 227 -6.29 25.66 -26.05
CA VAL A 227 -5.51 24.49 -26.41
C VAL A 227 -5.45 24.34 -27.94
N VAL A 228 -6.59 24.46 -28.61
CA VAL A 228 -6.58 24.33 -30.07
C VAL A 228 -5.62 25.34 -30.69
N ALA A 229 -5.46 26.50 -30.07
CA ALA A 229 -4.53 27.52 -30.56
C ALA A 229 -3.07 27.15 -30.30
N ARG A 230 -2.75 26.73 -29.06
CA ARG A 230 -1.37 26.37 -28.76
C ARG A 230 -0.96 25.09 -29.48
N PHE A 231 -1.93 24.33 -29.99
CA PHE A 231 -1.64 23.07 -30.67
C PHE A 231 -1.25 23.30 -32.12
N LYS A 232 -2.03 24.11 -32.83
CA LYS A 232 -1.66 24.50 -34.19
C LYS A 232 -0.34 25.27 -34.21
N GLN A 233 -0.17 26.22 -33.27
CA GLN A 233 1.10 26.93 -33.19
C GLN A 233 2.27 25.95 -33.09
N ARG A 234 2.13 24.89 -32.28
CA ARG A 234 3.21 23.93 -32.09
C ARG A 234 3.17 22.78 -33.09
N TYR A 235 2.01 22.43 -33.63
CA TYR A 235 1.90 21.33 -34.60
C TYR A 235 1.12 21.80 -35.81
N PRO A 236 1.75 22.56 -36.72
CA PRO A 236 1.01 23.09 -37.88
C PRO A 236 0.45 22.04 -38.80
N ASP A 237 1.06 20.85 -38.87
CA ASP A 237 0.66 19.85 -39.84
C ASP A 237 0.35 18.51 -39.18
N GLY A 238 -0.18 18.53 -37.95
CA GLY A 238 -0.20 17.32 -37.14
C GLY A 238 1.20 16.99 -36.67
N ILE A 239 1.34 15.86 -35.95
CA ILE A 239 2.66 15.48 -35.45
C ILE A 239 3.27 14.37 -36.32
N ASN B 12 -23.27 -0.50 -8.93
CA ASN B 12 -23.43 0.36 -7.77
C ASN B 12 -22.12 1.11 -7.39
N ASP B 13 -22.21 2.44 -7.30
CA ASP B 13 -21.10 3.28 -6.84
C ASP B 13 -21.11 3.35 -5.31
N TYR B 14 -20.11 2.72 -4.69
CA TYR B 14 -20.03 2.70 -3.23
C TYR B 14 -19.27 3.89 -2.66
N CYS B 15 -18.45 4.55 -3.49
CA CYS B 15 -17.92 5.85 -3.10
C CYS B 15 -19.03 6.87 -3.00
N GLN B 16 -19.93 6.89 -4.00
CA GLN B 16 -21.10 7.76 -3.93
C GLN B 16 -21.91 7.45 -2.67
N HIS B 17 -22.15 6.16 -2.41
CA HIS B 17 -22.90 5.75 -1.24
C HIS B 17 -22.25 6.29 0.03
N PHE B 18 -20.94 6.13 0.17
CA PHE B 18 -20.27 6.62 1.36
C PHE B 18 -20.48 8.12 1.53
N VAL B 19 -20.39 8.87 0.43
CA VAL B 19 -20.62 10.31 0.46
C VAL B 19 -22.03 10.62 0.97
N ASP B 20 -23.00 9.75 0.64
CA ASP B 20 -24.40 9.95 1.02
C ASP B 20 -24.70 9.47 2.44
N THR B 21 -24.22 8.26 2.80
CA THR B 21 -24.71 7.53 3.96
C THR B 21 -23.72 7.33 5.10
N GLY B 22 -22.43 7.61 4.89
CA GLY B 22 -21.40 7.33 5.88
C GLY B 22 -20.85 5.91 5.91
N HIS B 23 -21.33 5.01 5.07
CA HIS B 23 -20.87 3.62 5.08
C HIS B 23 -19.69 3.44 4.12
N ARG B 24 -18.55 3.05 4.66
CA ARG B 24 -17.36 2.83 3.85
C ARG B 24 -17.62 1.73 2.82
N PRO B 25 -17.08 1.86 1.61
CA PRO B 25 -17.27 0.79 0.62
C PRO B 25 -16.89 -0.60 1.11
N GLN B 26 -15.93 -0.72 2.04
CA GLN B 26 -15.58 -2.04 2.57
C GLN B 26 -16.67 -2.66 3.43
N ASN B 27 -17.65 -1.87 3.90
CA ASN B 27 -18.73 -2.43 4.69
C ASN B 27 -19.48 -3.51 3.91
N PHE B 28 -19.52 -3.41 2.58
CA PHE B 28 -20.40 -4.20 1.73
C PHE B 28 -19.70 -5.37 1.04
N ILE B 29 -18.44 -5.64 1.40
CA ILE B 29 -17.77 -6.85 0.91
C ILE B 29 -18.34 -8.05 1.65
N ARG B 30 -18.79 -9.05 0.92
CA ARG B 30 -19.39 -10.23 1.54
C ARG B 30 -18.31 -11.25 1.90
N ASP B 31 -18.37 -11.74 3.14
CA ASP B 31 -17.49 -12.78 3.69
C ASP B 31 -16.16 -12.19 4.13
N GLU B 46 -11.45 -26.55 -0.71
CA GLU B 46 -10.54 -27.46 -0.03
C GLU B 46 -10.56 -27.18 1.49
N LEU B 47 -9.74 -27.89 2.27
CA LEU B 47 -9.62 -27.63 3.72
C LEU B 47 -8.14 -27.69 4.11
N ILE B 48 -7.53 -26.52 4.24
CA ILE B 48 -6.14 -26.39 4.69
C ILE B 48 -6.10 -26.41 6.22
N ARG B 49 -6.96 -27.21 6.84
CA ARG B 49 -6.94 -27.35 8.30
C ARG B 49 -5.80 -28.22 8.78
N LEU B 50 -5.24 -29.08 7.91
CA LEU B 50 -4.11 -29.91 8.30
C LEU B 50 -2.90 -29.04 8.65
N LYS B 51 -2.43 -28.23 7.69
CA LYS B 51 -1.38 -27.26 7.93
C LYS B 51 -1.90 -26.19 8.86
N ASP B 52 -2.15 -26.58 10.10
CA ASP B 52 -2.69 -25.73 11.17
C ASP B 52 -2.41 -26.54 12.42
N GLU B 53 -2.80 -27.82 12.36
CA GLU B 53 -2.32 -28.81 13.32
C GLU B 53 -0.84 -29.12 13.11
N LEU B 54 -0.32 -28.91 11.91
CA LEU B 54 1.12 -29.05 11.73
C LEU B 54 1.88 -27.85 12.29
N ILE B 55 1.32 -26.65 12.17
CA ILE B 55 1.92 -25.52 12.87
C ILE B 55 1.79 -25.70 14.37
N ALA B 56 0.62 -26.12 14.83
CA ALA B 56 0.35 -26.14 16.26
C ALA B 56 1.28 -27.12 16.98
N LYS B 57 1.58 -28.26 16.33
CA LYS B 57 2.50 -29.21 16.94
C LYS B 57 3.93 -28.69 16.88
N SER B 58 4.29 -28.03 15.78
CA SER B 58 5.65 -27.57 15.53
C SER B 58 6.02 -26.34 16.36
N ASN B 59 5.04 -25.66 16.96
CA ASN B 59 5.27 -24.41 17.68
C ASN B 59 6.10 -24.62 18.94
N THR B 60 7.14 -23.80 19.12
CA THR B 60 7.84 -23.70 20.38
C THR B 60 6.90 -23.17 21.46
N PRO B 61 7.19 -23.44 22.72
CA PRO B 61 6.45 -22.77 23.82
C PRO B 61 6.60 -21.26 23.73
N PRO B 62 5.56 -20.49 24.05
CA PRO B 62 5.68 -19.04 23.88
C PRO B 62 6.72 -18.46 24.82
N MET B 63 7.43 -17.45 24.34
CA MET B 63 8.51 -16.87 25.12
C MET B 63 8.41 -15.37 24.99
N TYR B 64 8.66 -14.66 26.10
CA TYR B 64 8.35 -13.25 26.17
C TYR B 64 9.40 -12.60 27.05
N LEU B 65 9.55 -11.27 26.92
CA LEU B 65 10.62 -10.56 27.60
C LEU B 65 10.33 -9.06 27.63
N GLN B 66 10.07 -8.52 28.82
CA GLN B 66 9.89 -7.08 28.94
C GLN B 66 11.22 -6.37 28.65
N ALA B 67 11.19 -5.32 27.82
CA ALA B 67 12.39 -4.57 27.47
C ALA B 67 12.00 -3.22 26.87
N ASP B 68 12.77 -2.17 27.22
CA ASP B 68 12.60 -0.85 26.61
C ASP B 68 13.52 -0.79 25.40
N ILE B 69 12.95 -0.98 24.21
CA ILE B 69 13.72 -1.37 23.04
C ILE B 69 14.57 -0.22 22.52
N GLU B 70 14.20 1.02 22.85
CA GLU B 70 15.12 2.13 22.62
C GLU B 70 16.41 1.93 23.41
N ALA B 71 16.29 1.73 24.72
CA ALA B 71 17.39 1.61 25.65
C ALA B 71 18.13 0.28 25.58
N PHE B 72 17.69 -0.63 24.73
CA PHE B 72 18.01 -2.04 24.85
C PHE B 72 18.91 -2.45 23.71
N ASP B 73 20.06 -3.05 24.05
CA ASP B 73 20.89 -3.59 22.99
C ASP B 73 20.18 -4.76 22.35
N ILE B 74 19.89 -4.62 21.06
CA ILE B 74 19.08 -5.64 20.40
C ILE B 74 19.88 -6.89 20.09
N ARG B 75 21.23 -6.79 20.04
CA ARG B 75 22.04 -7.95 19.66
C ARG B 75 21.90 -9.08 20.68
N GLU B 76 21.58 -8.72 21.92
CA GLU B 76 21.36 -9.62 23.04
C GLU B 76 20.20 -10.60 22.76
N LEU B 77 19.53 -10.45 21.62
CA LEU B 77 18.46 -11.35 21.19
C LEU B 77 19.04 -12.33 20.18
N THR B 78 19.11 -13.59 20.56
CA THR B 78 19.61 -14.60 19.64
C THR B 78 18.75 -15.85 19.76
N PRO B 79 18.81 -16.76 18.75
CA PRO B 79 19.64 -16.73 17.53
C PRO B 79 19.07 -15.81 16.49
N LYS B 80 19.64 -15.84 15.29
CA LYS B 80 19.11 -14.99 14.23
C LYS B 80 17.73 -15.50 13.86
N PHE B 81 16.79 -14.58 13.67
CA PHE B 81 15.38 -14.92 13.53
C PHE B 81 15.02 -15.20 12.07
N ASP B 82 14.07 -16.14 11.90
CA ASP B 82 13.53 -16.42 10.57
C ASP B 82 12.48 -15.41 10.17
N VAL B 83 11.70 -14.92 11.13
CA VAL B 83 10.65 -13.95 10.84
C VAL B 83 10.69 -12.90 11.93
N ILE B 84 10.56 -11.63 11.54
CA ILE B 84 10.42 -10.53 12.49
C ILE B 84 9.13 -9.79 12.20
N LEU B 85 8.31 -9.64 13.22
CA LEU B 85 7.08 -8.87 13.16
C LEU B 85 7.27 -7.62 14.01
N LEU B 86 7.00 -6.47 13.42
CA LEU B 86 7.46 -5.18 13.94
C LEU B 86 6.27 -4.26 14.00
N GLU B 87 5.86 -3.87 15.21
CA GLU B 87 4.58 -3.20 15.47
C GLU B 87 4.80 -1.98 16.38
N PRO B 88 5.63 -1.03 15.94
CA PRO B 88 6.04 0.05 16.84
C PRO B 88 4.92 1.04 17.04
N PRO B 89 4.83 1.68 18.22
CA PRO B 89 3.66 2.53 18.53
C PRO B 89 3.71 3.91 17.87
N LEU B 90 2.95 4.05 16.79
CA LEU B 90 2.96 5.27 16.02
C LEU B 90 2.09 6.31 16.69
N GLU B 91 2.50 7.59 16.58
CA GLU B 91 1.68 8.68 17.10
C GLU B 91 0.25 8.60 16.57
N GLU B 92 0.09 8.23 15.30
CA GLU B 92 -1.24 8.20 14.72
C GLU B 92 -2.17 7.16 15.36
N TYR B 93 -1.62 6.15 16.04
CA TYR B 93 -2.50 5.18 16.69
C TYR B 93 -3.28 5.83 17.82
N TYR B 94 -2.71 6.86 18.46
CA TYR B 94 -3.37 7.61 19.52
C TYR B 94 -3.89 8.94 18.98
N ARG B 95 -4.92 8.84 18.12
CA ARG B 95 -5.67 10.02 17.71
C ARG B 95 -6.31 10.70 18.91
N GLU B 96 -7.08 9.94 19.69
CA GLU B 96 -7.67 10.41 20.95
C GLU B 96 -6.61 10.63 22.04
N LYS B 104 4.88 5.95 25.46
CA LYS B 104 5.78 6.60 24.51
C LYS B 104 5.47 6.30 23.01
N CYS B 105 5.37 7.33 22.17
CA CYS B 105 5.14 7.16 20.75
C CYS B 105 6.48 7.16 20.00
N TRP B 106 6.74 6.10 19.22
CA TRP B 106 7.95 6.02 18.40
C TRP B 106 7.73 6.74 17.07
N THR B 107 8.62 7.69 16.76
CA THR B 107 8.62 8.30 15.43
C THR B 107 9.35 7.39 14.45
N TRP B 108 9.19 7.69 13.16
CA TRP B 108 9.91 6.89 12.17
C TRP B 108 11.41 7.11 12.29
N ASP B 109 11.81 8.23 12.90
CA ASP B 109 13.19 8.48 13.29
C ASP B 109 13.71 7.39 14.23
N ASP B 110 13.00 7.17 15.33
CA ASP B 110 13.37 6.09 16.24
C ASP B 110 13.38 4.75 15.54
N ILE B 111 12.33 4.46 14.75
CA ILE B 111 12.20 3.15 14.14
C ILE B 111 13.38 2.87 13.22
N MET B 112 13.70 3.80 12.32
CA MET B 112 14.82 3.60 11.40
C MET B 112 16.15 3.43 12.12
N LYS B 113 16.29 3.97 13.33
CA LYS B 113 17.52 3.78 14.10
C LYS B 113 17.64 2.39 14.69
N LEU B 114 16.65 1.53 14.52
CA LEU B 114 16.74 0.19 15.11
C LEU B 114 17.71 -0.66 14.30
N GLU B 115 18.39 -1.56 14.99
CA GLU B 115 19.46 -2.33 14.37
C GLU B 115 18.95 -3.71 13.96
N ILE B 116 17.94 -3.69 13.10
CA ILE B 116 17.22 -4.92 12.77
C ILE B 116 18.17 -5.92 12.11
N ASP B 117 18.98 -5.44 11.17
CA ASP B 117 19.84 -6.31 10.40
C ASP B 117 20.79 -7.12 11.25
N GLU B 118 21.01 -6.74 12.52
CA GLU B 118 21.93 -7.47 13.37
C GLU B 118 21.34 -8.75 13.94
N ILE B 119 20.02 -8.84 14.02
CA ILE B 119 19.38 -10.03 14.57
C ILE B 119 18.60 -10.82 13.52
N ALA B 120 18.50 -10.34 12.29
CA ALA B 120 17.80 -11.08 11.25
C ALA B 120 18.70 -12.15 10.63
N ALA B 121 18.11 -13.26 10.27
CA ALA B 121 18.89 -14.32 9.67
C ALA B 121 19.26 -14.00 8.23
N PRO B 122 20.39 -14.60 7.68
CA PRO B 122 20.69 -14.48 6.24
C PRO B 122 19.48 -14.51 5.32
N ARG B 123 18.72 -15.60 5.38
CA ARG B 123 17.43 -15.70 4.70
C ARG B 123 16.39 -15.50 5.78
N SER B 124 15.62 -14.41 5.69
CA SER B 124 14.65 -14.07 6.71
C SER B 124 13.59 -13.17 6.09
N PHE B 125 12.55 -12.91 6.89
CA PHE B 125 11.40 -12.12 6.48
C PHE B 125 11.13 -11.08 7.55
N ILE B 126 10.40 -10.03 7.16
CA ILE B 126 9.94 -9.01 8.09
C ILE B 126 8.55 -8.56 7.71
N PHE B 127 7.71 -8.34 8.72
CA PHE B 127 6.38 -7.77 8.57
C PHE B 127 6.34 -6.50 9.38
N LEU B 128 6.21 -5.37 8.70
CA LEU B 128 6.30 -4.09 9.36
C LEU B 128 4.94 -3.40 9.23
N TRP B 129 4.38 -2.99 10.36
CA TRP B 129 3.17 -2.16 10.35
C TRP B 129 3.57 -0.71 10.08
N CYS B 130 2.83 -0.03 9.20
CA CYS B 130 3.25 1.31 8.80
C CYS B 130 2.13 2.33 8.91
N GLY B 131 0.93 1.90 9.29
CA GLY B 131 -0.19 2.80 9.46
C GLY B 131 -0.70 3.20 8.10
N SER B 132 -1.07 4.48 7.95
CA SER B 132 -1.43 5.00 6.63
C SER B 132 -0.87 6.37 6.36
N GLY B 133 0.12 6.83 7.11
CA GLY B 133 0.68 8.15 6.90
C GLY B 133 1.98 8.12 6.15
N GLU B 134 2.93 8.94 6.62
CA GLU B 134 4.30 8.90 6.12
C GLU B 134 4.88 7.48 6.19
N GLY B 135 4.38 6.64 7.10
CA GLY B 135 4.93 5.31 7.28
C GLY B 135 4.90 4.46 6.03
N LEU B 136 3.97 4.75 5.10
CA LEU B 136 3.91 3.99 3.86
C LEU B 136 5.13 4.21 3.01
N ASP B 137 5.81 5.34 3.22
CA ASP B 137 7.09 5.67 2.56
C ASP B 137 8.29 5.39 3.46
N LEU B 138 8.26 5.96 4.67
CA LEU B 138 9.37 5.78 5.60
C LEU B 138 9.64 4.31 5.88
N GLY B 139 8.59 3.49 6.08
CA GLY B 139 8.78 2.07 6.29
C GLY B 139 9.44 1.34 5.14
N ARG B 140 9.26 1.84 3.91
CA ARG B 140 9.97 1.21 2.80
C ARG B 140 11.44 1.56 2.83
N VAL B 141 11.76 2.74 3.35
CA VAL B 141 13.16 3.12 3.58
C VAL B 141 13.79 2.19 4.60
N CYS B 142 13.09 1.96 5.72
CA CYS B 142 13.53 0.99 6.72
C CYS B 142 13.80 -0.35 6.07
N LEU B 143 12.84 -0.85 5.29
CA LEU B 143 12.99 -2.17 4.67
C LEU B 143 14.30 -2.24 3.89
N ARG B 144 14.60 -1.20 3.12
CA ARG B 144 15.83 -1.22 2.35
C ARG B 144 17.06 -0.99 3.23
N LYS B 145 16.90 -0.26 4.34
CA LYS B 145 18.04 -0.01 5.23
C LYS B 145 18.47 -1.29 5.94
N TRP B 146 17.52 -2.14 6.30
CA TRP B 146 17.85 -3.40 6.94
C TRP B 146 18.13 -4.50 5.95
N GLY B 147 17.96 -4.23 4.67
CA GLY B 147 18.37 -5.13 3.62
C GLY B 147 17.28 -6.03 3.08
N TYR B 148 16.03 -5.60 3.07
CA TYR B 148 14.94 -6.39 2.53
C TYR B 148 14.42 -5.74 1.25
N ARG B 149 13.79 -6.57 0.42
CA ARG B 149 12.96 -6.08 -0.67
C ARG B 149 11.49 -6.36 -0.32
N ARG B 150 10.62 -5.38 -0.53
CA ARG B 150 9.20 -5.62 -0.31
C ARG B 150 8.67 -6.62 -1.33
N CYS B 151 8.07 -7.72 -0.87
CA CYS B 151 7.33 -8.56 -1.82
C CYS B 151 5.82 -8.41 -1.70
N GLU B 152 5.30 -8.07 -0.53
CA GLU B 152 3.85 -8.06 -0.36
C GLU B 152 3.43 -6.85 0.46
N ASP B 153 2.37 -6.17 0.01
CA ASP B 153 1.76 -5.06 0.72
C ASP B 153 0.38 -5.51 1.23
N ILE B 154 0.27 -5.71 2.54
CA ILE B 154 -0.91 -6.28 3.19
C ILE B 154 -1.75 -5.16 3.77
N CYS B 155 -3.04 -5.15 3.45
CA CYS B 155 -3.95 -4.06 3.84
C CYS B 155 -4.98 -4.52 4.86
N TRP B 156 -4.96 -3.91 6.05
CA TRP B 156 -6.02 -4.07 7.04
C TRP B 156 -7.06 -3.00 6.78
N ILE B 157 -8.19 -3.40 6.24
CA ILE B 157 -9.26 -2.50 5.83
C ILE B 157 -10.35 -2.53 6.89
N LYS B 158 -10.67 -1.36 7.45
CA LYS B 158 -11.52 -1.27 8.63
C LYS B 158 -12.93 -0.90 8.21
N THR B 159 -13.88 -1.81 8.45
CA THR B 159 -15.29 -1.53 8.22
C THR B 159 -15.85 -0.73 9.38
N ASN B 160 -16.82 0.14 9.08
CA ASN B 160 -17.51 0.89 10.13
C ASN B 160 -19.02 0.57 10.15
N LYS B 161 -19.34 -0.72 10.18
CA LYS B 161 -20.75 -1.13 10.14
C LYS B 161 -21.47 -0.77 11.43
N ASN B 162 -20.75 -0.70 12.55
CA ASN B 162 -21.37 -0.42 13.85
C ASN B 162 -21.47 1.05 14.18
N ASN B 163 -20.89 1.95 13.37
CA ASN B 163 -21.05 3.39 13.59
C ASN B 163 -20.76 4.18 12.32
N PRO B 164 -21.70 4.22 11.36
CA PRO B 164 -21.62 5.20 10.26
C PRO B 164 -21.68 6.63 10.78
N LYS B 168 -14.16 10.96 10.72
CA LYS B 168 -13.79 11.74 11.94
C LYS B 168 -12.73 12.79 11.64
N THR B 169 -11.60 12.74 12.36
CA THR B 169 -10.54 13.71 12.13
C THR B 169 -9.77 13.32 10.87
N LEU B 170 -9.20 14.31 10.21
CA LEU B 170 -8.30 14.08 9.08
C LEU B 170 -6.91 14.59 9.44
N ASP B 171 -5.89 13.90 8.89
CA ASP B 171 -4.52 14.40 8.93
C ASP B 171 -4.45 15.70 8.15
N PRO B 172 -3.61 16.64 8.58
CA PRO B 172 -3.49 17.92 7.84
C PRO B 172 -3.32 17.72 6.34
N LYS B 173 -2.34 16.92 5.93
CA LYS B 173 -2.04 16.65 4.52
C LYS B 173 -2.98 15.63 3.89
N ALA B 174 -3.82 14.95 4.67
CA ALA B 174 -4.69 13.93 4.12
C ALA B 174 -5.66 14.52 3.10
N VAL B 175 -5.78 13.83 1.97
CA VAL B 175 -6.79 14.14 0.96
C VAL B 175 -8.08 13.41 1.25
N PHE B 176 -8.01 12.15 1.68
CA PHE B 176 -9.20 11.36 1.84
C PHE B 176 -9.29 10.88 3.28
N GLN B 177 -10.46 10.36 3.64
CA GLN B 177 -10.62 9.72 4.94
C GLN B 177 -9.80 8.46 4.93
N ARG B 178 -9.01 8.25 5.97
CA ARG B 178 -8.14 7.08 6.03
C ARG B 178 -8.85 5.96 6.79
N THR B 179 -9.07 4.84 6.10
CA THR B 179 -9.90 3.75 6.63
C THR B 179 -9.14 2.43 6.66
N LYS B 180 -7.81 2.46 6.52
CA LYS B 180 -7.01 1.24 6.45
C LYS B 180 -5.69 1.47 7.16
N GLU B 181 -4.93 0.39 7.31
CA GLU B 181 -3.53 0.37 7.74
C GLU B 181 -2.78 -0.60 6.82
N HIS B 182 -1.48 -0.37 6.63
CA HIS B 182 -0.67 -1.23 5.76
C HIS B 182 0.38 -1.98 6.56
N CYS B 183 0.50 -3.27 6.31
CA CYS B 183 1.60 -4.08 6.85
C CYS B 183 2.52 -4.52 5.71
N LEU B 184 3.76 -4.05 5.70
CA LEU B 184 4.69 -4.30 4.60
C LEU B 184 5.46 -5.59 4.83
N MET B 185 5.60 -6.38 3.77
CA MET B 185 6.32 -7.65 3.84
C MET B 185 7.63 -7.58 3.08
N GLY B 186 8.70 -8.05 3.72
CA GLY B 186 10.03 -7.93 3.15
C GLY B 186 10.80 -9.22 3.32
N ILE B 187 11.64 -9.49 2.33
CA ILE B 187 12.45 -10.70 2.25
C ILE B 187 13.90 -10.29 2.02
N LYS B 188 14.82 -11.15 2.50
CA LYS B 188 16.24 -10.99 2.22
C LYS B 188 16.86 -12.36 2.02
N GLY B 189 17.84 -12.43 1.14
CA GLY B 189 18.41 -13.70 0.77
C GLY B 189 17.65 -14.30 -0.37
N THR B 190 17.87 -15.60 -0.56
CA THR B 190 17.28 -16.31 -1.69
C THR B 190 16.04 -17.12 -1.30
N VAL B 204 -2.06 -19.50 -0.99
CA VAL B 204 -3.26 -19.81 -0.21
C VAL B 204 -3.98 -18.57 0.33
N ASP B 205 -3.22 -17.61 0.88
CA ASP B 205 -3.79 -16.43 1.51
C ASP B 205 -3.83 -15.21 0.58
N ILE B 206 -4.66 -14.24 0.95
CA ILE B 206 -4.84 -12.99 0.21
C ILE B 206 -4.15 -11.86 0.99
N ASP B 207 -3.88 -10.75 0.29
CA ASP B 207 -3.23 -9.58 0.89
C ASP B 207 -4.23 -8.55 1.42
N LEU B 208 -5.29 -9.01 2.09
CA LEU B 208 -6.31 -8.13 2.66
C LEU B 208 -6.83 -8.76 3.94
N ILE B 209 -6.89 -7.98 5.01
CA ILE B 209 -7.56 -8.35 6.24
C ILE B 209 -8.70 -7.35 6.46
N ILE B 210 -9.92 -7.84 6.55
CA ILE B 210 -11.09 -6.98 6.77
C ILE B 210 -11.61 -7.28 8.17
N THR B 211 -11.54 -6.27 9.04
CA THR B 211 -12.25 -6.28 10.32
C THR B 211 -12.88 -4.92 10.54
N GLU B 212 -13.84 -4.89 11.46
CA GLU B 212 -14.42 -3.62 11.90
C GLU B 212 -13.34 -2.78 12.57
N GLU B 213 -13.52 -1.46 12.53
CA GLU B 213 -12.56 -0.57 13.18
C GLU B 213 -12.59 -0.78 14.69
N PRO B 214 -11.42 -0.87 15.34
CA PRO B 214 -11.40 -1.01 16.79
C PRO B 214 -11.83 0.27 17.49
N GLU B 215 -12.37 0.09 18.71
CA GLU B 215 -12.77 1.19 19.58
C GLU B 215 -11.64 2.20 19.70
N ILE B 216 -12.00 3.49 19.81
CA ILE B 216 -10.97 4.53 19.85
C ILE B 216 -9.97 4.20 20.96
N GLY B 217 -8.70 4.48 20.71
CA GLY B 217 -7.66 4.18 21.66
C GLY B 217 -7.35 2.72 21.88
N ASN B 218 -8.07 1.80 21.26
CA ASN B 218 -7.58 0.43 21.15
C ASN B 218 -6.62 0.34 19.96
N ILE B 219 -5.51 -0.38 20.14
CA ILE B 219 -4.44 -0.31 19.16
C ILE B 219 -3.99 -1.68 18.66
N GLU B 220 -4.72 -2.73 19.02
CA GLU B 220 -4.30 -4.08 18.63
C GLU B 220 -4.27 -4.20 17.12
N LYS B 221 -3.22 -4.97 16.56
CA LYS B 221 -3.55 -5.23 15.16
C LYS B 221 -4.18 -6.60 15.03
N PRO B 222 -5.07 -6.80 14.05
CA PRO B 222 -5.79 -8.07 13.95
C PRO B 222 -4.87 -9.29 13.97
N VAL B 223 -5.31 -10.31 14.71
CA VAL B 223 -4.60 -11.57 14.80
C VAL B 223 -4.46 -12.26 13.44
N GLU B 224 -5.32 -11.91 12.48
CA GLU B 224 -5.21 -12.52 11.16
C GLU B 224 -3.81 -12.35 10.57
N ILE B 225 -3.10 -11.30 10.96
CA ILE B 225 -1.73 -11.14 10.50
C ILE B 225 -0.88 -12.35 10.88
N PHE B 226 -1.10 -12.89 12.08
CA PHE B 226 -0.31 -14.03 12.53
C PHE B 226 -0.62 -15.26 11.67
N HIS B 227 -1.90 -15.47 11.38
CA HIS B 227 -2.27 -16.59 10.54
C HIS B 227 -1.59 -16.50 9.19
N ILE B 228 -1.60 -15.30 8.59
CA ILE B 228 -1.01 -15.14 7.28
C ILE B 228 0.48 -15.44 7.34
N ILE B 229 1.15 -14.99 8.40
CA ILE B 229 2.58 -15.26 8.52
C ILE B 229 2.84 -16.74 8.66
N GLU B 230 2.10 -17.38 9.57
CA GLU B 230 2.40 -18.78 9.89
C GLU B 230 2.12 -19.71 8.70
N HIS B 231 1.09 -19.43 7.91
CA HIS B 231 0.78 -20.28 6.76
C HIS B 231 1.82 -20.20 5.65
N PHE B 232 2.78 -19.26 5.74
CA PHE B 232 3.90 -19.20 4.80
C PHE B 232 4.98 -20.25 5.07
N CYS B 233 5.10 -20.72 6.32
CA CYS B 233 6.04 -21.78 6.70
C CYS B 233 7.49 -21.32 6.51
N LEU B 234 7.83 -20.21 7.16
CA LEU B 234 9.07 -19.50 6.90
C LEU B 234 10.18 -19.79 7.90
N GLY B 235 9.98 -20.74 8.80
CA GLY B 235 10.91 -20.99 9.88
C GLY B 235 10.24 -20.86 11.24
N ARG B 236 10.95 -21.30 12.26
CA ARG B 236 10.37 -21.31 13.57
C ARG B 236 10.93 -20.25 14.51
N ARG B 237 11.97 -19.52 14.11
CA ARG B 237 12.47 -18.42 14.93
C ARG B 237 11.70 -17.16 14.57
N ARG B 238 10.63 -16.89 15.34
CA ARG B 238 9.71 -15.80 15.06
C ARG B 238 9.74 -14.82 16.22
N LEU B 239 10.01 -13.54 15.91
CA LEU B 239 10.18 -12.47 16.88
C LEU B 239 9.11 -11.42 16.66
N HIS B 240 8.38 -11.06 17.72
CA HIS B 240 7.36 -10.01 17.67
C HIS B 240 7.86 -8.81 18.45
N LEU B 241 8.29 -7.76 17.76
CA LEU B 241 8.89 -6.61 18.43
C LEU B 241 7.79 -5.61 18.73
N PHE B 242 7.76 -5.14 19.97
CA PHE B 242 6.72 -4.25 20.49
C PHE B 242 5.38 -4.97 20.66
N GLY B 243 5.40 -6.28 20.89
CA GLY B 243 4.21 -6.96 21.32
C GLY B 243 3.84 -6.60 22.77
N ARG B 244 2.61 -6.94 23.14
CA ARG B 244 2.06 -6.71 24.46
C ARG B 244 1.72 -8.06 25.09
N ASP B 245 1.29 -8.03 26.36
CA ASP B 245 0.84 -9.24 27.06
C ASP B 245 -0.20 -10.00 26.24
N SER B 246 -1.15 -9.27 25.64
CA SER B 246 -2.23 -9.80 24.83
C SER B 246 -1.80 -10.35 23.47
N THR B 247 -0.57 -10.14 23.04
CA THR B 247 -0.14 -10.69 21.77
C THR B 247 0.69 -11.96 21.92
N ILE B 248 1.03 -12.35 23.15
CA ILE B 248 1.85 -13.54 23.35
C ILE B 248 1.12 -14.76 22.79
N ARG B 249 1.89 -15.67 22.22
CA ARG B 249 1.33 -16.59 21.26
C ARG B 249 2.30 -17.74 21.19
N PRO B 250 1.84 -18.98 21.05
CA PRO B 250 2.81 -20.07 20.91
C PRO B 250 3.47 -19.96 19.55
N GLY B 251 4.71 -20.43 19.48
CA GLY B 251 5.50 -20.28 18.28
C GLY B 251 6.20 -18.95 18.13
N TRP B 252 6.04 -18.00 19.06
CA TRP B 252 6.61 -16.66 18.91
C TRP B 252 7.47 -16.28 20.10
N LEU B 253 8.38 -15.34 19.88
CA LEU B 253 9.08 -14.63 20.93
C LEU B 253 8.62 -13.18 20.91
N THR B 254 8.17 -12.68 22.05
CA THR B 254 7.59 -11.36 22.18
C THR B 254 8.49 -10.45 23.01
N VAL B 255 8.92 -9.32 22.44
CA VAL B 255 9.73 -8.33 23.16
C VAL B 255 9.04 -6.97 23.10
N GLY B 256 8.81 -6.38 24.27
CA GLY B 256 8.02 -5.19 24.35
C GLY B 256 8.13 -4.52 25.70
N PRO B 257 7.98 -3.20 25.74
CA PRO B 257 8.09 -2.47 27.01
C PRO B 257 6.89 -2.64 27.94
N THR B 258 5.70 -2.90 27.41
CA THR B 258 4.55 -3.05 28.30
C THR B 258 4.42 -4.46 28.89
N LEU B 259 5.23 -5.44 28.46
CA LEU B 259 5.14 -6.78 29.02
C LEU B 259 5.29 -6.74 30.54
N THR B 260 4.48 -7.54 31.22
CA THR B 260 4.50 -7.54 32.66
C THR B 260 5.30 -8.69 33.23
N ASN B 261 5.55 -9.74 32.48
CA ASN B 261 6.40 -10.81 32.97
C ASN B 261 7.36 -11.24 31.88
N SER B 262 8.46 -11.84 32.30
CA SER B 262 9.44 -12.36 31.37
C SER B 262 9.75 -13.82 31.70
N ASN B 263 10.02 -14.59 30.64
CA ASN B 263 10.55 -15.93 30.78
C ASN B 263 11.67 -16.19 29.80
N TYR B 264 12.24 -15.17 29.17
CA TYR B 264 13.25 -15.39 28.14
C TYR B 264 14.58 -15.83 28.73
N ASN B 265 15.20 -16.79 28.06
CA ASN B 265 16.55 -17.21 28.36
C ASN B 265 17.13 -17.73 27.04
N ALA B 266 18.12 -17.00 26.51
CA ALA B 266 18.65 -17.27 25.17
C ALA B 266 19.07 -18.72 25.00
N GLU B 267 19.65 -19.32 26.04
CA GLU B 267 20.04 -20.72 25.95
C GLU B 267 18.82 -21.61 25.79
N THR B 268 17.80 -21.41 26.65
CA THR B 268 16.58 -22.18 26.49
C THR B 268 15.95 -21.93 25.14
N TYR B 269 15.88 -20.67 24.71
CA TYR B 269 15.32 -20.36 23.41
C TYR B 269 16.10 -21.03 22.28
N ALA B 270 17.43 -21.11 22.41
CA ALA B 270 18.20 -21.75 21.36
C ALA B 270 18.01 -23.26 21.36
N SER B 271 17.85 -23.85 22.54
CA SER B 271 17.62 -25.29 22.68
C SER B 271 16.44 -25.81 21.88
N TYR B 272 15.45 -24.97 21.54
CA TYR B 272 14.32 -25.41 20.71
C TYR B 272 14.69 -25.61 19.24
N PHE B 273 15.80 -25.05 18.77
CA PHE B 273 16.18 -25.15 17.38
C PHE B 273 17.50 -25.86 17.15
N SER B 274 18.14 -26.39 18.19
CA SER B 274 19.34 -27.19 17.96
C SER B 274 18.95 -28.46 17.21
N ALA B 275 19.96 -29.07 16.52
CA ALA B 275 19.71 -30.21 15.65
C ALA B 275 18.98 -31.29 16.43
N PRO B 276 18.09 -32.06 15.81
CA PRO B 276 17.78 -32.04 14.37
C PRO B 276 16.59 -31.13 13.99
N ASN B 277 16.53 -29.92 14.54
CA ASN B 277 15.36 -29.07 14.35
C ASN B 277 15.71 -27.73 13.73
N SER B 278 16.96 -27.56 13.29
CA SER B 278 17.45 -26.24 12.94
C SER B 278 16.68 -25.63 11.78
N TYR B 279 16.16 -26.44 10.87
CA TYR B 279 15.71 -25.94 9.57
C TYR B 279 14.20 -26.07 9.32
N LEU B 280 13.44 -26.57 10.29
CA LEU B 280 12.02 -26.86 10.08
C LEU B 280 11.28 -25.64 9.56
N THR B 281 10.34 -25.87 8.64
CA THR B 281 9.56 -24.76 8.09
C THR B 281 8.58 -24.21 9.11
N GLY B 282 8.28 -24.97 10.15
CA GLY B 282 7.13 -24.69 10.98
C GLY B 282 5.86 -25.35 10.52
N CYS B 283 5.88 -26.05 9.38
CA CYS B 283 4.68 -26.66 8.81
C CYS B 283 4.83 -28.17 8.61
N THR B 284 5.77 -28.79 9.32
CA THR B 284 6.18 -30.17 9.12
C THR B 284 5.92 -31.00 10.37
N GLU B 285 5.99 -32.33 10.22
CA GLU B 285 5.90 -33.23 11.36
C GLU B 285 7.20 -33.20 12.15
N GLU B 286 7.10 -33.19 13.48
CA GLU B 286 8.30 -33.15 14.29
C GLU B 286 9.15 -34.39 14.06
N ILE B 287 10.47 -34.26 14.30
CA ILE B 287 11.41 -35.37 14.19
C ILE B 287 11.59 -35.97 15.57
N GLU B 288 11.74 -37.30 15.62
CA GLU B 288 11.96 -38.02 16.90
C GLU B 288 13.45 -38.27 17.14
C10 V0B C . -0.57 4.24 -23.60
C13 V0B C . 1.22 5.79 -24.59
C17 V0B C . 4.96 4.97 -25.60
C20 V0B C . 4.04 2.25 -24.56
C21 V0B C . 3.11 3.49 -24.58
C01 V0B C . -2.01 -1.35 -16.08
C02 V0B C . -1.94 -1.01 -17.56
C03 V0B C . -1.59 -2.05 -18.54
C04 V0B C . -1.52 -1.73 -19.98
C05 V0B C . -1.84 -0.25 -20.44
C07 V0B C . -2.18 1.62 -21.54
C08 V0B C . -2.30 2.61 -22.66
C12 V0B C . 0.83 4.46 -24.08
C14 V0B C . 2.61 5.97 -25.09
C18 V0B C . 5.90 3.76 -25.59
C19 V0B C . 5.43 2.42 -25.08
C23 V0B C . -2.37 1.88 -20.18
C25 V0B C . -2.23 0.39 -18.02
N06 V0B C . -1.85 0.32 -21.68
N09 V0B C . -0.96 2.92 -23.11
N16 V0B C . 3.55 4.82 -25.09
N22 V0B C . 1.71 3.33 -24.09
N24 V0B C . -2.17 0.73 -19.52
O11 V0B C . -1.31 5.14 -23.69
O15 V0B C . 2.94 7.05 -25.48
C ACT D . 11.93 -2.20 -1.44
O ACT D . 11.94 -3.39 -1.88
OXT ACT D . 12.35 -1.16 -2.02
CH3 ACT D . 11.28 -1.95 0.00
#